data_3JUC
#
_entry.id   3JUC
#
_cell.length_a   36.247
_cell.length_b   42.478
_cell.length_c   84.814
_cell.angle_alpha   90.00
_cell.angle_beta   90.00
_cell.angle_gamma   90.00
#
_symmetry.space_group_name_H-M   'P 21 21 21'
#
loop_
_entity.id
_entity.type
_entity.pdbx_description
1 polymer 'AIG2-like domain-containing protein 1'
2 non-polymer 'PYROGLUTAMIC ACID'
3 non-polymer 'NITRATE ION'
4 water water
#
_entity_poly.entity_id   1
_entity_poly.type   'polypeptide(L)'
_entity_poly.pdbx_seq_one_letter_code
;MALVFVYGTLKRGQPNHRVLRDGAHGSAAFRARGRTLEPYPLVIAGEHNIPWLLHLPGSGRLVEGEVYAVDERMLRFLDD
FESCPALYQRTVLRVQLLEDRAPGAEEPPAPTAVQCFVYSRATFPPEWAQLPHHDSYDSEGPHGLRYNPRENR
;
_entity_poly.pdbx_strand_id   A
#
loop_
_chem_comp.id
_chem_comp.type
_chem_comp.name
_chem_comp.formula
NO3 non-polymer 'NITRATE ION' 'N O3 -1'
#
# COMPACT_ATOMS: atom_id res chain seq x y z
N MET A 1 -3.83 -17.65 -1.61
CA MET A 1 -3.42 -16.41 -2.32
CA MET A 1 -3.63 -16.47 -2.51
C MET A 1 -4.30 -15.29 -1.82
N ALA A 2 -3.84 -14.08 -2.09
CA ALA A 2 -4.56 -12.91 -1.67
C ALA A 2 -4.18 -11.70 -2.57
N LEU A 3 -4.96 -10.62 -2.47
CA LEU A 3 -4.62 -9.34 -3.09
C LEU A 3 -4.08 -8.43 -2.01
N VAL A 4 -2.98 -7.72 -2.31
CA VAL A 4 -2.40 -6.75 -1.42
CA VAL A 4 -2.43 -6.74 -1.42
C VAL A 4 -2.33 -5.43 -2.14
N PHE A 5 -2.80 -4.38 -1.49
CA PHE A 5 -2.70 -3.00 -1.95
C PHE A 5 -1.46 -2.37 -1.33
N VAL A 6 -0.50 -1.99 -2.15
CA VAL A 6 0.75 -1.37 -1.68
C VAL A 6 0.71 0.12 -2.06
N TYR A 7 1.18 0.94 -1.12
CA TYR A 7 1.09 2.38 -1.23
C TYR A 7 2.44 3.10 -0.95
N GLY A 8 3.43 2.35 -0.50
CA GLY A 8 4.63 2.95 0.04
C GLY A 8 5.87 2.47 -0.72
N THR A 9 6.88 2.02 0.03
CA THR A 9 8.15 1.65 -0.55
C THR A 9 8.13 0.39 -1.42
N LEU A 10 7.01 -0.37 -1.40
CA LEU A 10 6.86 -1.54 -2.26
C LEU A 10 6.38 -1.24 -3.68
N LYS A 11 5.88 -0.03 -3.94
CA LYS A 11 5.37 0.28 -5.27
C LYS A 11 6.46 0.23 -6.33
N ARG A 12 6.07 0.01 -7.59
CA ARG A 12 6.99 0.18 -8.72
CA ARG A 12 7.00 0.16 -8.72
C ARG A 12 7.71 1.51 -8.63
N GLY A 13 9.05 1.48 -8.80
CA GLY A 13 9.90 2.64 -8.73
C GLY A 13 10.39 3.02 -7.34
N GLN A 14 9.85 2.39 -6.31
CA GLN A 14 10.16 2.73 -4.92
C GLN A 14 11.21 1.79 -4.34
N PRO A 15 11.84 2.19 -3.22
CA PRO A 15 13.10 1.50 -2.81
C PRO A 15 13.01 0.02 -2.44
N ASN A 16 11.86 -0.47 -2.01
CA ASN A 16 11.72 -1.87 -1.63
C ASN A 16 10.94 -2.70 -2.61
N HIS A 17 10.72 -2.18 -3.83
CA HIS A 17 9.93 -2.94 -4.80
C HIS A 17 10.51 -4.30 -5.12
N ARG A 18 11.84 -4.41 -5.09
CA ARG A 18 12.54 -5.66 -5.41
C ARG A 18 12.06 -6.84 -4.69
N VAL A 19 11.58 -6.66 -3.43
CA VAL A 19 11.28 -7.83 -2.61
C VAL A 19 10.09 -8.54 -3.12
N LEU A 20 9.24 -7.87 -3.93
CA LEU A 20 8.10 -8.53 -4.58
C LEU A 20 8.55 -9.41 -5.68
N ARG A 21 9.74 -9.18 -6.23
CA ARG A 21 10.20 -9.89 -7.45
CA ARG A 21 10.30 -9.81 -7.47
C ARG A 21 11.33 -10.92 -7.12
N ASP A 22 11.70 -11.07 -5.84
CA ASP A 22 12.61 -12.08 -5.40
C ASP A 22 11.86 -13.42 -5.19
N GLY A 23 11.94 -14.34 -6.11
CA GLY A 23 11.19 -15.55 -6.07
C GLY A 23 11.54 -16.46 -4.91
N ALA A 24 12.62 -16.20 -4.17
CA ALA A 24 12.82 -16.88 -2.89
C ALA A 24 11.72 -16.61 -1.93
N HIS A 25 10.97 -15.51 -2.12
CA HIS A 25 9.95 -15.08 -1.19
C HIS A 25 8.53 -15.53 -1.62
N GLY A 26 8.36 -16.25 -2.75
CA GLY A 26 7.07 -16.52 -3.39
C GLY A 26 6.81 -15.65 -4.62
N SER A 27 5.53 -15.48 -4.94
CA SER A 27 5.12 -14.75 -6.13
C SER A 27 4.25 -13.53 -5.85
N ALA A 28 4.44 -12.51 -6.67
CA ALA A 28 3.61 -11.30 -6.65
C ALA A 28 3.41 -10.87 -8.10
N ALA A 29 2.19 -10.69 -8.52
CA ALA A 29 1.87 -10.32 -9.89
C ALA A 29 1.05 -9.03 -9.88
N PHE A 30 1.51 -8.01 -10.59
CA PHE A 30 0.78 -6.77 -10.71
C PHE A 30 -0.58 -7.02 -11.32
N ARG A 31 -1.64 -6.51 -10.67
CA ARG A 31 -3.01 -6.62 -11.20
CA ARG A 31 -3.01 -6.63 -11.17
CA ARG A 31 -2.99 -6.62 -11.23
C ARG A 31 -3.56 -5.30 -11.70
N ALA A 32 -3.43 -4.22 -10.93
CA ALA A 32 -4.07 -2.98 -11.30
C ALA A 32 -3.52 -1.82 -10.49
N ARG A 33 -3.64 -0.62 -11.06
CA ARG A 33 -3.56 0.62 -10.37
CA ARG A 33 -3.54 0.56 -10.24
C ARG A 33 -4.86 0.80 -9.53
N GLY A 34 -4.74 1.33 -8.32
CA GLY A 34 -5.90 1.53 -7.44
C GLY A 34 -5.83 2.79 -6.66
N ARG A 35 -6.97 3.15 -6.08
CA ARG A 35 -7.09 4.26 -5.17
C ARG A 35 -8.04 3.87 -4.09
N THR A 36 -7.71 4.13 -2.82
CA THR A 36 -8.61 3.77 -1.76
C THR A 36 -9.98 4.42 -1.95
N LEU A 37 -11.03 3.69 -1.60
CA LEU A 37 -12.41 4.24 -1.66
C LEU A 37 -12.67 5.18 -0.51
N GLU A 38 -12.05 4.93 0.64
CA GLU A 38 -12.15 5.79 1.79
C GLU A 38 -10.81 6.49 2.00
N PRO A 39 -10.83 7.73 2.54
CA PRO A 39 -9.55 8.44 2.80
C PRO A 39 -8.88 7.91 4.06
N TYR A 40 -7.56 7.95 4.07
CA TYR A 40 -6.73 7.68 5.25
C TYR A 40 -5.63 8.74 5.30
N PRO A 41 -5.10 9.02 6.50
CA PRO A 41 -3.86 9.82 6.57
C PRO A 41 -2.64 8.94 6.23
N LEU A 42 -1.90 9.31 5.20
CA LEU A 42 -0.67 8.67 4.82
C LEU A 42 0.43 9.70 5.09
N VAL A 43 1.32 9.38 6.03
CA VAL A 43 2.32 10.33 6.52
C VAL A 43 3.71 9.71 6.45
N ILE A 44 4.71 10.57 6.29
CA ILE A 44 6.12 10.19 6.36
C ILE A 44 6.59 10.59 7.75
N ALA A 45 7.06 9.63 8.53
CA ALA A 45 7.38 9.92 9.94
C ALA A 45 8.51 9.05 10.43
N GLY A 46 9.22 9.55 11.43
CA GLY A 46 10.35 8.82 12.07
C GLY A 46 11.63 9.03 11.31
N GLU A 47 12.74 8.57 11.92
CA GLU A 47 14.08 8.84 11.43
C GLU A 47 14.43 8.22 10.09
N HIS A 48 13.69 7.18 9.69
CA HIS A 48 13.93 6.50 8.45
C HIS A 48 13.04 7.07 7.32
N ASN A 49 12.20 8.07 7.62
CA ASN A 49 11.27 8.62 6.64
C ASN A 49 10.42 7.51 6.00
N ILE A 50 9.93 6.58 6.85
CA ILE A 50 9.02 5.55 6.38
C ILE A 50 7.61 6.11 6.20
N PRO A 51 6.91 5.66 5.16
CA PRO A 51 5.49 6.00 5.00
C PRO A 51 4.57 5.08 5.81
N TRP A 52 3.61 5.69 6.47
CA TRP A 52 2.67 4.97 7.34
C TRP A 52 1.24 5.35 6.96
N LEU A 53 0.45 4.33 6.60
CA LEU A 53 -1.01 4.50 6.41
C LEU A 53 -1.64 4.38 7.78
N LEU A 54 -1.94 5.51 8.40
CA LEU A 54 -2.52 5.51 9.74
C LEU A 54 -3.94 4.98 9.66
N HIS A 55 -4.34 4.14 10.62
CA HIS A 55 -5.65 3.50 10.55
C HIS A 55 -6.74 4.43 11.10
N LEU A 56 -7.01 5.49 10.36
CA LEU A 56 -8.00 6.53 10.66
C LEU A 56 -8.88 6.75 9.43
N PRO A 57 -9.55 5.70 8.95
CA PRO A 57 -10.38 5.87 7.73
C PRO A 57 -11.44 6.95 7.93
N GLY A 58 -11.66 7.73 6.90
CA GLY A 58 -12.56 8.84 6.98
C GLY A 58 -11.88 10.20 7.23
N SER A 59 -10.55 10.18 7.28
CA SER A 59 -9.77 11.41 7.40
C SER A 59 -8.57 11.28 6.48
N GLY A 60 -7.82 12.36 6.26
CA GLY A 60 -6.71 12.32 5.34
C GLY A 60 -7.14 12.54 3.89
N ARG A 61 -6.68 11.67 2.99
CA ARG A 61 -6.85 11.79 1.57
C ARG A 61 -7.11 10.40 1.00
N LEU A 62 -7.68 10.33 -0.20
CA LEU A 62 -7.70 9.05 -0.95
C LEU A 62 -6.28 8.73 -1.35
N VAL A 63 -5.86 7.50 -1.14
CA VAL A 63 -4.49 7.07 -1.34
C VAL A 63 -4.35 6.23 -2.60
N GLU A 64 -3.41 6.62 -3.48
CA GLU A 64 -3.10 5.91 -4.68
C GLU A 64 -2.11 4.76 -4.37
N GLY A 65 -2.24 3.68 -5.12
CA GLY A 65 -1.34 2.57 -4.95
C GLY A 65 -1.52 1.53 -6.03
N GLU A 66 -1.01 0.32 -5.75
CA GLU A 66 -0.96 -0.77 -6.72
C GLU A 66 -1.44 -2.04 -6.08
N VAL A 67 -2.25 -2.79 -6.81
CA VAL A 67 -2.80 -4.05 -6.36
C VAL A 67 -1.99 -5.18 -6.95
N TYR A 68 -1.46 -6.07 -6.09
CA TYR A 68 -0.73 -7.26 -6.46
C TYR A 68 -1.45 -8.52 -6.01
N ALA A 69 -1.45 -9.54 -6.85
CA ALA A 69 -1.87 -10.88 -6.45
C ALA A 69 -0.67 -11.61 -5.92
N VAL A 70 -0.71 -12.05 -4.67
CA VAL A 70 0.42 -12.70 -4.02
C VAL A 70 0.05 -14.09 -3.57
N ASP A 71 1.02 -14.99 -3.57
CA ASP A 71 0.78 -16.31 -2.97
C ASP A 71 1.01 -16.29 -1.47
N GLU A 72 0.75 -17.43 -0.80
CA GLU A 72 0.84 -17.44 0.66
C GLU A 72 2.30 -17.30 1.13
N ARG A 73 3.27 -17.80 0.34
CA ARG A 73 4.67 -17.61 0.67
C ARG A 73 5.01 -16.11 0.71
N MET A 74 4.57 -15.38 -0.29
CA MET A 74 4.87 -13.96 -0.36
C MET A 74 4.16 -13.22 0.75
N LEU A 75 2.91 -13.58 1.05
CA LEU A 75 2.19 -12.92 2.13
C LEU A 75 2.88 -13.11 3.48
N ARG A 76 3.34 -14.34 3.77
CA ARG A 76 4.08 -14.56 5.03
C ARG A 76 5.38 -13.79 5.07
N PHE A 77 6.07 -13.69 3.96
CA PHE A 77 7.28 -12.87 3.87
C PHE A 77 6.94 -11.40 4.19
N LEU A 78 5.93 -10.86 3.52
CA LEU A 78 5.57 -9.46 3.67
C LEU A 78 5.14 -9.15 5.09
N ASP A 79 4.42 -10.06 5.74
CA ASP A 79 4.03 -9.84 7.13
C ASP A 79 5.26 -9.59 7.99
N ASP A 80 6.32 -10.38 7.80
CA ASP A 80 7.57 -10.18 8.56
C ASP A 80 8.38 -8.99 8.07
N PHE A 81 8.37 -8.73 6.78
CA PHE A 81 9.01 -7.55 6.21
C PHE A 81 8.46 -6.27 6.82
N GLU A 82 7.19 -6.26 7.12
CA GLU A 82 6.49 -5.12 7.73
C GLU A 82 6.36 -5.23 9.28
N SER A 83 7.08 -6.19 9.87
CA SER A 83 7.09 -6.31 11.36
C SER A 83 5.68 -6.37 11.93
N CYS A 84 4.82 -7.15 11.32
CA CYS A 84 3.46 -7.29 11.79
CA CYS A 84 3.44 -7.29 11.74
C CYS A 84 3.41 -8.32 12.90
N PRO A 85 2.57 -8.13 13.91
CA PRO A 85 1.62 -7.04 14.11
C PRO A 85 2.06 -5.92 14.96
N ALA A 86 3.32 -5.90 15.39
CA ALA A 86 3.78 -4.92 16.33
C ALA A 86 3.90 -3.54 15.72
N LEU A 87 4.32 -3.46 14.48
CA LEU A 87 4.62 -2.20 13.85
CA LEU A 87 4.60 -2.16 13.86
C LEU A 87 3.46 -1.78 12.90
N TYR A 88 3.23 -2.57 11.87
CA TYR A 88 2.03 -2.50 11.02
C TYR A 88 1.13 -3.68 11.39
N GLN A 89 -0.15 -3.55 11.04
CA GLN A 89 -1.09 -4.64 11.07
C GLN A 89 -1.62 -4.83 9.64
N ARG A 90 -1.87 -6.09 9.28
CA ARG A 90 -2.46 -6.37 7.98
C ARG A 90 -3.99 -6.31 8.15
N THR A 91 -4.61 -5.29 7.58
CA THR A 91 -6.03 -5.04 7.66
C THR A 91 -6.61 -5.15 6.23
N VAL A 92 -7.91 -4.97 6.12
CA VAL A 92 -8.57 -5.05 4.78
CA VAL A 92 -8.65 -5.10 4.85
C VAL A 92 -9.27 -3.73 4.47
N LEU A 93 -9.32 -3.44 3.19
CA LEU A 93 -10.05 -2.27 2.70
CA LEU A 93 -9.98 -2.23 2.68
C LEU A 93 -10.44 -2.52 1.26
N ARG A 94 -11.32 -1.65 0.76
CA ARG A 94 -11.74 -1.74 -0.62
CA ARG A 94 -11.83 -1.68 -0.59
C ARG A 94 -11.15 -0.59 -1.41
N VAL A 95 -10.72 -0.94 -2.61
CA VAL A 95 -9.97 -0.08 -3.52
C VAL A 95 -10.73 0.08 -4.83
N GLN A 96 -10.72 1.28 -5.37
CA GLN A 96 -11.23 1.58 -6.69
C GLN A 96 -10.15 1.25 -7.73
N LEU A 97 -10.54 0.47 -8.74
CA LEU A 97 -9.67 0.12 -9.84
C LEU A 97 -9.62 1.26 -10.82
N LEU A 98 -8.39 1.63 -11.22
CA LEU A 98 -8.20 2.74 -12.15
C LEU A 98 -7.77 2.21 -13.47
N GLU A 99 -8.60 2.39 -14.47
CA GLU A 99 -8.33 1.91 -15.83
C GLU A 99 -7.61 2.94 -16.64
N ASP A 100 -6.85 2.51 -17.64
CA ASP A 100 -6.14 3.43 -18.53
C ASP A 100 -7.06 4.36 -19.31
N ARG A 101 -8.27 3.85 -19.62
CA ARG A 101 -9.24 4.59 -20.37
C ARG A 101 -10.54 4.49 -19.60
N ALA A 102 -11.27 5.58 -19.51
CA ALA A 102 -12.63 5.56 -18.97
C ALA A 102 -13.51 4.56 -19.67
N PRO A 103 -14.51 3.99 -18.97
CA PRO A 103 -15.40 2.97 -19.56
C PRO A 103 -16.40 3.56 -20.58
N GLU A 106 -20.46 -0.57 -22.11
N GLU A 106 -21.22 0.12 -20.66
CA GLU A 106 -20.63 -2.06 -22.12
CA GLU A 106 -21.36 -0.85 -21.72
C GLU A 106 -21.51 -2.50 -20.98
C GLU A 106 -21.28 -2.25 -21.12
N GLU A 107 -22.21 -3.60 -21.20
N GLU A 107 -22.32 -3.04 -21.39
CA GLU A 107 -23.45 -3.87 -20.46
CA GLU A 107 -23.12 -3.74 -20.34
C GLU A 107 -23.46 -5.35 -20.32
C GLU A 107 -23.16 -5.27 -20.34
N PRO A 108 -23.17 -5.84 -19.13
CA PRO A 108 -22.96 -5.11 -17.87
C PRO A 108 -21.55 -4.52 -17.88
N PRO A 109 -21.36 -3.43 -17.11
CA PRO A 109 -20.11 -2.76 -17.05
C PRO A 109 -19.10 -3.58 -16.26
N ALA A 110 -17.82 -3.29 -16.38
CA ALA A 110 -16.82 -3.91 -15.61
C ALA A 110 -16.93 -3.45 -14.06
N PRO A 111 -16.76 -4.40 -13.10
CA PRO A 111 -16.61 -4.02 -11.69
C PRO A 111 -15.52 -2.99 -11.58
N THR A 112 -15.62 -2.09 -10.60
CA THR A 112 -14.66 -1.02 -10.42
C THR A 112 -14.04 -1.02 -9.04
N ALA A 113 -14.26 -2.05 -8.24
CA ALA A 113 -13.72 -2.15 -6.89
C ALA A 113 -13.24 -3.50 -6.58
N VAL A 114 -12.31 -3.62 -5.64
CA VAL A 114 -11.82 -4.91 -5.17
C VAL A 114 -11.34 -4.78 -3.74
N GLN A 115 -11.60 -5.81 -2.94
CA GLN A 115 -11.08 -5.90 -1.59
C GLN A 115 -9.65 -6.39 -1.54
N CYS A 116 -8.83 -5.74 -0.76
CA CYS A 116 -7.42 -6.06 -0.62
C CYS A 116 -6.99 -6.06 0.84
N PHE A 117 -5.90 -6.78 1.13
CA PHE A 117 -5.14 -6.49 2.34
C PHE A 117 -4.29 -5.21 2.17
N VAL A 118 -3.97 -4.59 3.29
CA VAL A 118 -3.10 -3.43 3.32
C VAL A 118 -2.36 -3.48 4.64
N TYR A 119 -1.15 -2.90 4.69
CA TYR A 119 -0.39 -2.74 5.92
C TYR A 119 -0.64 -1.34 6.48
N SER A 120 -1.44 -1.28 7.55
CA SER A 120 -1.81 -0.02 8.19
C SER A 120 -1.21 0.03 9.60
N ARG A 121 -1.31 1.17 10.25
CA ARG A 121 -0.75 1.31 11.61
C ARG A 121 -1.79 1.94 12.54
N ALA A 122 -2.13 1.22 13.60
CA ALA A 122 -3.19 1.62 14.51
C ALA A 122 -2.71 2.46 15.69
N THR A 123 -1.47 2.27 16.14
CA THR A 123 -0.95 2.91 17.32
C THR A 123 0.30 3.67 16.98
N PHE A 124 0.27 4.97 17.20
CA PHE A 124 1.33 5.90 16.75
C PHE A 124 1.32 7.12 17.65
N PRO A 125 2.43 7.86 17.66
CA PRO A 125 2.42 9.17 18.35
C PRO A 125 1.27 9.99 17.79
N PRO A 126 0.38 10.52 18.63
CA PRO A 126 -0.84 11.16 18.07
C PRO A 126 -0.52 12.32 17.09
N GLU A 127 0.56 13.04 17.29
CA GLU A 127 0.90 14.14 16.42
C GLU A 127 1.22 13.73 15.00
N TRP A 128 1.52 12.45 14.80
CA TRP A 128 1.76 11.99 13.42
C TRP A 128 0.53 12.28 12.55
N ALA A 129 -0.67 12.24 13.13
CA ALA A 129 -1.88 12.47 12.35
C ALA A 129 -1.97 13.86 11.75
N GLN A 130 -1.21 14.79 12.28
CA GLN A 130 -1.17 16.17 11.79
C GLN A 130 0.00 16.47 10.85
N LEU A 131 0.87 15.49 10.62
CA LEU A 131 1.90 15.62 9.61
C LEU A 131 1.26 15.78 8.23
N PRO A 132 2.02 16.23 7.22
CA PRO A 132 1.44 16.36 5.89
C PRO A 132 0.82 15.04 5.39
N HIS A 133 -0.36 15.14 4.83
CA HIS A 133 -1.06 13.98 4.26
C HIS A 133 -0.71 13.83 2.79
N HIS A 134 -0.38 12.61 2.38
CA HIS A 134 0.01 12.30 1.02
C HIS A 134 -1.11 11.53 0.30
N ASP A 135 -1.32 11.84 -0.98
CA ASP A 135 -2.15 11.02 -1.84
C ASP A 135 -1.33 9.96 -2.59
N SER A 136 -0.09 10.25 -2.90
CA SER A 136 0.80 9.32 -3.59
C SER A 136 2.20 9.45 -3.06
N TYR A 137 2.68 8.42 -2.39
CA TYR A 137 4.01 8.42 -1.79
C TYR A 137 5.09 8.23 -2.85
N ASP A 138 6.17 9.01 -2.71
CA ASP A 138 7.41 8.82 -3.48
C ASP A 138 8.56 9.16 -2.55
N SER A 139 9.48 8.20 -2.35
CA SER A 139 10.68 8.50 -1.58
C SER A 139 11.44 9.73 -2.12
N GLU A 140 11.44 9.86 -3.43
CA GLU A 140 12.12 10.95 -4.14
C GLU A 140 11.17 12.08 -4.52
N GLY A 141 10.07 12.21 -3.77
CA GLY A 141 9.09 13.24 -4.01
C GLY A 141 9.50 14.60 -3.51
N PRO A 142 8.64 15.60 -3.74
CA PRO A 142 9.02 17.01 -3.54
C PRO A 142 9.30 17.40 -2.11
N HIS A 143 8.86 16.61 -1.14
CA HIS A 143 9.13 16.82 0.28
C HIS A 143 10.62 16.70 0.65
N GLY A 144 11.40 15.96 -0.10
CA GLY A 144 12.81 15.79 0.20
C GLY A 144 13.16 14.79 1.27
N LEU A 145 12.17 14.11 1.86
CA LEU A 145 12.37 13.18 2.95
C LEU A 145 12.59 11.78 2.40
N ARG A 146 13.81 11.53 1.93
CA ARG A 146 14.14 10.29 1.24
C ARG A 146 14.15 9.12 2.25
N TYR A 147 13.59 7.99 1.83
CA TYR A 147 13.62 6.79 2.65
C TYR A 147 15.01 6.40 2.91
N ASN A 148 15.30 6.06 4.15
CA ASN A 148 16.69 5.64 4.38
C ASN A 148 16.70 4.58 5.47
N PRO A 149 17.01 3.36 5.08
CA PRO A 149 17.01 2.33 6.06
C PRO A 149 18.25 2.26 6.92
N ARG A 150 19.18 3.17 6.79
CA ARG A 150 20.43 3.11 7.56
CA ARG A 150 20.41 3.07 7.56
C ARG A 150 20.15 3.20 9.03
N GLU A 151 21.09 2.67 9.80
CA GLU A 151 21.03 2.85 11.26
C GLU A 151 22.14 3.75 11.72
N PCA B . 5.73 -0.63 2.46
CA PCA B . 4.34 -1.05 2.41
CB PCA B . 3.74 -0.34 3.70
CG PCA B . 4.50 0.98 3.72
CD PCA B . 5.82 0.62 3.03
OE PCA B . 6.83 1.31 2.95
C PCA B . 3.66 -0.60 1.15
O PCA B . 2.44 -0.66 1.11
OXT PCA B . 4.38 -0.18 0.19
N NO3 C . 5.22 12.18 -1.92
O1 NO3 C . 4.23 13.07 -1.69
O2 NO3 C . 5.93 12.37 -2.96
O3 NO3 C . 5.48 11.35 -1.08
N NO3 D . 6.18 15.84 4.16
O1 NO3 D . 6.03 14.69 3.95
O2 NO3 D . 5.72 16.76 3.33
O3 NO3 D . 6.78 16.20 5.31
#